data_3HGF
#
_entry.id   3HGF
#
_cell.length_a   70.223
_cell.length_b   70.223
_cell.length_c   193.218
_cell.angle_alpha   90.00
_cell.angle_beta   90.00
_cell.angle_gamma   120.00
#
_symmetry.space_group_name_H-M   'P 63 2 2'
#
_entity_poly.entity_id   1
_entity_poly.type   'polypeptide(L)'
_entity_poly.pdbx_seq_one_letter_code
;HHHHHHPMVKEIEKKIENIVTKIDKKKYIYDNMKKLLNEIAEIEKDKTSLEEVKNINMSYGKSLNKLFLEKIDEEKKKSE
NMIKSMEKYIKDLDEIKEQSPKAEMNT
;
_entity_poly.pdbx_strand_id   A,B,C
#
# COMPACT_ATOMS: atom_id res chain seq x y z
N PRO A 7 -11.34 31.47 -11.20
CA PRO A 7 -12.11 30.28 -10.86
C PRO A 7 -13.10 29.89 -11.96
N MET A 8 -13.61 30.88 -12.69
CA MET A 8 -14.56 30.66 -13.78
C MET A 8 -13.88 29.94 -14.93
N VAL A 9 -12.96 30.63 -15.62
CA VAL A 9 -12.09 30.00 -16.60
C VAL A 9 -11.03 29.22 -15.85
N LYS A 10 -10.58 29.80 -14.74
CA LYS A 10 -9.66 29.14 -13.81
C LYS A 10 -10.35 27.96 -13.11
N GLU A 11 -11.28 27.33 -13.83
CA GLU A 11 -11.76 26.01 -13.49
C GLU A 11 -10.66 25.04 -13.90
N ILE A 12 -9.86 25.47 -14.88
CA ILE A 12 -8.65 24.75 -15.29
C ILE A 12 -7.58 24.76 -14.18
N GLU A 13 -7.98 25.17 -12.98
CA GLU A 13 -7.13 25.13 -11.80
C GLU A 13 -7.38 23.88 -10.97
N LYS A 14 -8.62 23.39 -11.01
CA LYS A 14 -8.97 22.09 -10.44
C LYS A 14 -8.35 20.98 -11.31
N LYS A 15 -8.27 21.26 -12.61
CA LYS A 15 -7.55 20.40 -13.56
C LYS A 15 -6.06 20.35 -13.23
N ILE A 16 -5.49 21.53 -12.94
CA ILE A 16 -4.12 21.62 -12.44
C ILE A 16 -3.99 20.90 -11.10
N GLU A 17 -4.96 21.13 -10.20
CA GLU A 17 -5.01 20.43 -8.93
C GLU A 17 -5.00 18.92 -9.12
N ASN A 18 -5.72 18.47 -10.14
CA ASN A 18 -5.75 17.07 -10.53
C ASN A 18 -4.42 16.63 -11.14
N ILE A 19 -3.97 17.36 -12.16
CA ILE A 19 -2.70 17.06 -12.82
C ILE A 19 -1.54 17.19 -11.82
N VAL A 20 -1.82 17.81 -10.68
CA VAL A 20 -0.88 17.88 -9.57
C VAL A 20 -1.02 16.60 -8.75
N THR A 21 -1.25 16.75 -7.45
CA THR A 21 -1.37 15.65 -6.49
C THR A 21 -1.85 14.33 -7.11
N LYS A 22 -3.03 14.36 -7.72
CA LYS A 22 -3.64 13.18 -8.33
C LYS A 22 -2.71 12.56 -9.36
N ILE A 23 -2.18 13.37 -10.28
CA ILE A 23 -1.25 12.87 -11.28
C ILE A 23 0.21 12.85 -10.78
N ASP A 24 0.41 13.26 -9.52
CA ASP A 24 1.71 13.15 -8.87
C ASP A 24 1.82 11.82 -8.14
N LYS A 25 0.77 11.46 -7.40
CA LYS A 25 0.68 10.18 -6.71
C LYS A 25 0.59 9.01 -7.70
N LYS A 26 0.38 9.34 -8.97
CA LYS A 26 0.46 8.39 -10.08
C LYS A 26 1.87 7.84 -10.23
N LYS A 27 2.86 8.69 -10.00
CA LYS A 27 4.26 8.30 -10.05
C LYS A 27 4.66 7.46 -8.84
N TYR A 28 4.18 7.84 -7.66
CA TYR A 28 4.53 7.14 -6.40
C TYR A 28 3.88 5.75 -6.32
N ILE A 29 3.52 5.22 -7.48
CA ILE A 29 3.05 3.85 -7.61
C ILE A 29 4.17 3.01 -8.20
N TYR A 30 4.59 3.38 -9.41
CA TYR A 30 5.72 2.73 -10.08
C TYR A 30 7.01 2.93 -9.30
N ASP A 31 6.99 3.92 -8.40
CA ASP A 31 8.09 4.20 -7.49
C ASP A 31 8.27 3.10 -6.44
N ASN A 32 7.24 2.26 -6.30
CA ASN A 32 7.33 1.06 -5.48
C ASN A 32 7.42 -0.18 -6.36
N MET A 33 7.10 -0.02 -7.65
CA MET A 33 7.20 -1.10 -8.62
C MET A 33 8.65 -1.48 -8.89
N LYS A 34 9.56 -0.53 -8.67
CA LYS A 34 11.00 -0.79 -8.76
C LYS A 34 11.51 -1.60 -7.56
N LYS A 35 11.25 -1.11 -6.35
CA LYS A 35 11.58 -1.83 -5.11
C LYS A 35 10.96 -3.21 -5.09
N LEU A 36 9.85 -3.35 -5.81
CA LEU A 36 9.22 -4.65 -6.03
C LEU A 36 10.12 -5.48 -6.93
N LEU A 37 10.41 -4.93 -8.10
CA LEU A 37 11.27 -5.59 -9.08
C LEU A 37 12.71 -5.67 -8.57
N ASN A 38 12.88 -5.52 -7.27
CA ASN A 38 14.16 -5.72 -6.59
C ASN A 38 14.10 -6.99 -5.78
N GLU A 39 13.05 -7.10 -4.96
CA GLU A 39 12.77 -8.33 -4.21
C GLU A 39 12.46 -9.44 -5.21
N ILE A 40 11.62 -9.12 -6.19
CA ILE A 40 11.34 -10.03 -7.29
C ILE A 40 12.63 -10.40 -7.99
N ALA A 41 13.48 -9.39 -8.19
CA ALA A 41 14.76 -9.59 -8.83
C ALA A 41 15.67 -10.47 -7.97
N GLU A 42 15.72 -10.18 -6.67
CA GLU A 42 16.56 -10.91 -5.73
C GLU A 42 16.10 -12.36 -5.56
N ILE A 43 14.78 -12.54 -5.56
CA ILE A 43 14.16 -13.86 -5.43
C ILE A 43 14.90 -14.91 -6.25
N GLU A 44 14.63 -14.95 -7.55
CA GLU A 44 15.24 -15.92 -8.43
C GLU A 44 16.76 -15.76 -8.43
N LYS A 45 17.23 -14.53 -8.27
CA LYS A 45 18.66 -14.21 -8.38
C LYS A 45 19.53 -15.00 -7.41
N ASP A 46 18.98 -15.31 -6.24
CA ASP A 46 19.62 -16.22 -5.31
C ASP A 46 19.21 -17.64 -5.66
N LYS A 47 17.90 -17.89 -5.68
CA LYS A 47 17.33 -19.19 -5.98
C LYS A 47 18.22 -20.01 -6.89
N THR A 48 18.38 -19.56 -8.13
CA THR A 48 19.17 -20.27 -9.13
C THR A 48 20.65 -20.37 -8.78
N SER A 49 21.23 -19.26 -8.33
CA SER A 49 22.62 -19.22 -7.93
C SER A 49 22.96 -20.34 -6.97
N LEU A 50 22.09 -20.56 -5.99
CA LEU A 50 22.28 -21.65 -5.03
C LEU A 50 21.96 -23.02 -5.64
N GLU A 51 20.86 -23.13 -6.38
CA GLU A 51 20.51 -24.40 -7.00
C GLU A 51 21.71 -24.96 -7.76
N GLU A 52 22.58 -24.07 -8.23
CA GLU A 52 23.83 -24.44 -8.90
C GLU A 52 24.81 -25.16 -7.97
N VAL A 53 24.84 -24.75 -6.71
CA VAL A 53 25.68 -25.39 -5.70
C VAL A 53 24.92 -26.47 -4.95
N LYS A 54 23.73 -26.80 -5.44
CA LYS A 54 22.98 -27.97 -4.99
C LYS A 54 23.19 -29.10 -6.00
N ASN A 55 23.74 -28.71 -7.15
CA ASN A 55 24.09 -29.65 -8.19
C ASN A 55 25.37 -30.38 -7.82
N ILE A 56 26.45 -29.62 -7.68
CA ILE A 56 27.77 -30.16 -7.32
C ILE A 56 27.70 -31.26 -6.27
N ASN A 57 26.73 -31.14 -5.37
CA ASN A 57 26.49 -32.16 -4.36
C ASN A 57 26.07 -33.49 -4.97
N MET A 58 24.98 -33.48 -5.74
CA MET A 58 24.40 -34.69 -6.35
C MET A 58 25.46 -35.56 -7.05
N SER A 59 26.34 -34.93 -7.83
CA SER A 59 27.46 -35.62 -8.43
C SER A 59 28.42 -36.11 -7.34
N TYR A 60 28.96 -35.17 -6.55
CA TYR A 60 29.98 -35.46 -5.51
C TYR A 60 29.47 -36.33 -4.34
N GLY A 61 28.17 -36.24 -4.07
CA GLY A 61 27.52 -37.14 -3.14
C GLY A 61 26.93 -38.28 -3.94
N LYS A 62 25.61 -38.45 -3.78
CA LYS A 62 24.83 -39.56 -4.36
C LYS A 62 25.50 -40.33 -5.49
N SER A 63 25.98 -39.61 -6.51
CA SER A 63 26.63 -40.24 -7.66
C SER A 63 28.00 -40.80 -7.27
N LEU A 64 28.90 -39.91 -6.85
CA LEU A 64 30.23 -40.31 -6.43
C LEU A 64 30.21 -41.31 -5.26
N ASN A 65 29.07 -41.38 -4.57
CA ASN A 65 28.85 -42.40 -3.55
C ASN A 65 28.85 -43.77 -4.20
N LYS A 66 27.77 -44.13 -4.88
CA LYS A 66 27.63 -45.43 -5.54
C LYS A 66 28.88 -45.84 -6.28
N LEU A 67 29.44 -44.92 -7.05
CA LEU A 67 30.67 -45.16 -7.82
C LEU A 67 31.83 -45.56 -6.91
N PHE A 68 32.05 -44.78 -5.85
CA PHE A 68 33.10 -45.09 -4.88
C PHE A 68 32.75 -46.31 -4.02
N LEU A 69 31.46 -46.47 -3.74
CA LEU A 69 30.97 -47.64 -3.03
C LEU A 69 30.92 -48.86 -3.96
N GLU A 70 31.52 -48.70 -5.14
CA GLU A 70 31.78 -49.84 -6.01
C GLU A 70 33.28 -49.91 -6.23
N LYS A 71 33.94 -48.76 -6.17
CA LYS A 71 35.39 -48.67 -6.36
C LYS A 71 36.13 -49.67 -5.48
N ILE A 72 35.49 -50.08 -4.39
CA ILE A 72 36.04 -51.07 -3.47
C ILE A 72 34.92 -51.86 -2.81
N LYS A 76 41.31 -51.51 7.22
CA LYS A 76 42.28 -50.55 6.72
C LYS A 76 41.69 -49.65 5.63
N LYS A 77 41.50 -50.21 4.43
CA LYS A 77 40.77 -49.51 3.38
C LYS A 77 39.30 -49.44 3.77
N LYS A 78 38.81 -50.51 4.40
CA LYS A 78 37.43 -50.57 4.90
C LYS A 78 37.18 -49.62 6.05
N SER A 79 38.23 -49.29 6.80
CA SER A 79 38.16 -48.33 7.89
C SER A 79 37.72 -46.96 7.38
N GLU A 80 38.19 -46.60 6.20
CA GLU A 80 37.80 -45.36 5.54
C GLU A 80 36.35 -45.43 5.10
N ASN A 81 35.96 -46.60 4.58
CA ASN A 81 34.58 -46.86 4.17
C ASN A 81 33.62 -46.83 5.37
N MET A 82 34.15 -47.16 6.54
CA MET A 82 33.40 -47.08 7.79
C MET A 82 33.18 -45.62 8.17
N ILE A 83 34.28 -44.90 8.44
CA ILE A 83 34.19 -43.48 8.79
C ILE A 83 33.59 -42.63 7.68
N LYS A 84 33.34 -43.26 6.53
CA LYS A 84 32.78 -42.56 5.37
C LYS A 84 31.31 -42.21 5.56
N SER A 85 30.49 -42.75 4.67
CA SER A 85 29.05 -42.47 4.63
C SER A 85 28.35 -42.66 5.97
N MET A 86 28.92 -43.53 6.81
CA MET A 86 28.32 -43.86 8.10
C MET A 86 28.49 -42.74 9.12
N GLU A 87 29.71 -42.25 9.29
CA GLU A 87 29.93 -41.12 10.17
C GLU A 87 29.43 -39.82 9.52
N LYS A 88 29.24 -39.86 8.19
CA LYS A 88 28.66 -38.74 7.44
C LYS A 88 27.17 -38.54 7.72
N TYR A 89 26.50 -39.62 8.14
CA TYR A 89 25.10 -39.57 8.57
C TYR A 89 25.05 -39.22 10.06
N ILE A 90 26.00 -39.75 10.83
CA ILE A 90 26.15 -39.45 12.25
C ILE A 90 26.47 -37.97 12.50
N LYS A 91 26.62 -37.24 11.40
CA LYS A 91 26.76 -35.81 11.46
C LYS A 91 25.42 -35.18 11.84
N ASP A 92 24.33 -35.78 11.32
CA ASP A 92 22.98 -35.24 11.51
C ASP A 92 22.42 -35.34 12.94
N LEU A 93 23.31 -35.27 13.93
CA LEU A 93 22.92 -35.09 15.32
C LEU A 93 22.62 -33.61 15.57
N ASP A 94 22.93 -32.80 14.57
CA ASP A 94 22.67 -31.36 14.59
C ASP A 94 21.18 -31.02 14.55
N GLU A 95 20.38 -31.93 14.02
CA GLU A 95 18.92 -31.78 14.03
C GLU A 95 18.37 -31.85 15.46
N ILE A 96 18.92 -32.77 16.25
CA ILE A 96 18.58 -32.87 17.67
C ILE A 96 19.17 -31.68 18.40
N LYS A 97 20.26 -31.18 17.86
CA LYS A 97 20.87 -29.94 18.33
C LYS A 97 20.13 -28.74 17.73
N GLU A 98 18.95 -28.99 17.18
CA GLU A 98 18.09 -27.94 16.64
C GLU A 98 16.66 -28.12 17.10
N GLN A 99 16.26 -29.37 17.32
CA GLN A 99 14.90 -29.70 17.74
C GLN A 99 14.60 -29.16 19.13
N SER A 100 15.21 -29.75 20.15
CA SER A 100 15.03 -29.27 21.52
C SER A 100 15.21 -27.74 21.65
N PRO A 101 16.14 -27.14 20.88
CA PRO A 101 16.24 -25.68 20.82
C PRO A 101 14.95 -25.01 20.36
N LYS A 102 14.31 -25.57 19.33
CA LYS A 102 13.03 -25.06 18.86
C LYS A 102 11.99 -25.35 19.94
N ALA A 103 12.06 -26.56 20.49
CA ALA A 103 11.21 -26.94 21.61
C ALA A 103 11.61 -26.19 22.88
N GLU A 104 12.59 -25.31 22.78
CA GLU A 104 12.99 -24.46 23.90
C GLU A 104 12.19 -23.16 23.92
N MET A 105 12.51 -22.25 23.01
CA MET A 105 11.89 -20.92 22.97
C MET A 105 10.44 -20.98 22.50
N ASN A 106 9.79 -22.12 22.72
CA ASN A 106 8.37 -22.27 22.45
C ASN A 106 7.73 -23.13 23.53
N THR A 107 7.36 -22.48 24.63
CA THR A 107 6.75 -23.14 25.78
C THR A 107 5.40 -22.54 26.14
N GLU B 13 -26.63 47.70 -7.81
CA GLU B 13 -27.24 47.52 -6.46
C GLU B 13 -26.52 46.44 -5.66
N LYS B 14 -27.23 45.83 -4.72
CA LYS B 14 -26.79 44.58 -4.11
C LYS B 14 -27.42 43.42 -4.87
N LYS B 15 -28.48 43.73 -5.63
CA LYS B 15 -29.27 42.73 -6.37
C LYS B 15 -28.69 42.43 -7.75
N ILE B 16 -27.76 43.27 -8.20
CA ILE B 16 -26.98 43.02 -9.41
C ILE B 16 -25.57 42.56 -9.01
N GLU B 17 -25.25 42.73 -7.73
CA GLU B 17 -23.99 42.28 -7.17
C GLU B 17 -24.04 40.79 -6.94
N ASN B 18 -25.13 40.32 -6.31
CA ASN B 18 -25.30 38.90 -6.02
C ASN B 18 -25.91 38.12 -7.19
N ILE B 19 -25.48 38.46 -8.40
CA ILE B 19 -25.80 37.71 -9.60
C ILE B 19 -24.51 37.25 -10.26
N VAL B 20 -23.40 37.81 -9.80
CA VAL B 20 -22.06 37.39 -10.21
C VAL B 20 -21.72 36.03 -9.58
N THR B 21 -22.32 35.76 -8.42
CA THR B 21 -22.16 34.48 -7.72
C THR B 21 -23.01 33.38 -8.36
N LYS B 22 -23.24 33.51 -9.67
CA LYS B 22 -23.96 32.53 -10.46
C LYS B 22 -23.08 32.04 -11.62
N ILE B 23 -22.23 32.95 -12.10
CA ILE B 23 -21.20 32.61 -13.09
C ILE B 23 -20.12 31.74 -12.43
N ASP B 24 -19.84 32.03 -11.16
CA ASP B 24 -18.90 31.23 -10.36
C ASP B 24 -19.68 30.22 -9.51
N LYS B 25 -20.61 29.51 -10.14
CA LYS B 25 -21.50 28.59 -9.44
C LYS B 25 -21.73 27.27 -10.20
N LYS B 26 -22.99 27.00 -10.54
CA LYS B 26 -23.40 25.73 -11.18
C LYS B 26 -22.67 25.48 -12.50
N LYS B 27 -22.21 26.55 -13.14
CA LYS B 27 -21.34 26.44 -14.30
C LYS B 27 -20.11 25.60 -13.93
N TYR B 28 -19.44 26.00 -12.86
CA TYR B 28 -18.25 25.31 -12.36
C TYR B 28 -18.58 23.92 -11.80
N ILE B 29 -19.73 23.80 -11.17
CA ILE B 29 -20.18 22.54 -10.60
C ILE B 29 -20.47 21.51 -11.68
N TYR B 30 -20.70 21.98 -12.90
CA TYR B 30 -20.88 21.10 -14.03
C TYR B 30 -19.52 20.65 -14.59
N ASP B 31 -18.60 21.60 -14.71
CA ASP B 31 -17.29 21.39 -15.37
C ASP B 31 -16.36 20.46 -14.60
N ASN B 32 -16.39 20.56 -13.28
CA ASN B 32 -15.56 19.73 -12.41
C ASN B 32 -15.99 18.26 -12.42
N MET B 33 -17.30 18.01 -12.46
CA MET B 33 -17.84 16.64 -12.45
C MET B 33 -17.64 15.89 -13.77
N LYS B 34 -16.64 16.33 -14.54
CA LYS B 34 -16.25 15.69 -15.80
C LYS B 34 -14.75 15.86 -16.04
N LYS B 35 -14.22 17.01 -15.60
CA LYS B 35 -12.78 17.26 -15.59
C LYS B 35 -12.12 16.37 -14.52
N LEU B 36 -12.87 16.08 -13.47
CA LEU B 36 -12.36 15.27 -12.37
C LEU B 36 -13.18 14.00 -12.12
N LEU B 37 -14.12 13.71 -13.02
CA LEU B 37 -14.95 12.49 -12.88
C LEU B 37 -14.17 11.21 -13.18
N ASN B 38 -13.31 11.26 -14.20
CA ASN B 38 -12.50 10.11 -14.60
C ASN B 38 -11.15 10.02 -13.88
N GLU B 39 -11.07 10.70 -12.73
CA GLU B 39 -9.86 10.79 -11.91
C GLU B 39 -9.26 9.42 -11.58
N ILE B 40 -10.06 8.38 -11.75
CA ILE B 40 -9.63 7.00 -11.50
C ILE B 40 -10.23 6.01 -12.49
N ALA B 41 -11.14 6.50 -13.33
CA ALA B 41 -11.85 5.64 -14.29
C ALA B 41 -10.91 4.74 -15.10
N GLU B 42 -10.22 5.33 -16.07
CA GLU B 42 -9.18 4.61 -16.79
C GLU B 42 -7.89 4.68 -15.97
N ILE B 43 -7.78 5.72 -15.15
CA ILE B 43 -6.56 6.02 -14.40
C ILE B 43 -6.18 4.99 -13.34
N GLU B 44 -7.13 4.17 -12.92
CA GLU B 44 -6.86 3.15 -11.92
C GLU B 44 -7.19 1.73 -12.41
N LYS B 45 -8.33 1.56 -13.06
CA LYS B 45 -8.83 0.24 -13.43
C LYS B 45 -8.00 -0.46 -14.51
N ASP B 46 -7.76 0.24 -15.62
CA ASP B 46 -6.99 -0.30 -16.73
C ASP B 46 -5.48 -0.22 -16.47
N LYS B 47 -5.09 0.69 -15.58
CA LYS B 47 -3.68 0.88 -15.21
C LYS B 47 -3.20 -0.18 -14.23
N THR B 48 -4.13 -0.76 -13.48
CA THR B 48 -3.83 -1.79 -12.50
C THR B 48 -3.65 -3.18 -13.14
N SER B 49 -4.59 -3.54 -14.01
CA SER B 49 -4.63 -4.87 -14.64
C SER B 49 -3.41 -5.16 -15.51
N LEU B 50 -2.68 -4.11 -15.88
CA LEU B 50 -1.44 -4.23 -16.65
C LEU B 50 -0.36 -4.95 -15.85
N GLU B 51 -0.32 -4.70 -14.55
CA GLU B 51 0.63 -5.34 -13.65
C GLU B 51 0.22 -6.79 -13.35
N GLU B 52 -1.05 -7.00 -13.05
CA GLU B 52 -1.55 -8.33 -12.67
C GLU B 52 -1.74 -9.28 -13.86
N VAL B 53 -1.29 -8.85 -15.02
CA VAL B 53 -1.22 -9.70 -16.21
C VAL B 53 0.23 -10.10 -16.46
N LYS B 54 1.15 -9.35 -15.85
CA LYS B 54 2.58 -9.68 -15.87
C LYS B 54 2.86 -10.85 -14.93
N ASN B 55 2.11 -10.91 -13.83
CA ASN B 55 2.24 -11.99 -12.85
C ASN B 55 1.94 -13.37 -13.43
N ILE B 56 1.31 -13.41 -14.60
CA ILE B 56 1.02 -14.66 -15.29
C ILE B 56 2.29 -15.29 -15.85
N ASN B 57 2.92 -14.61 -16.80
CA ASN B 57 4.13 -15.11 -17.44
C ASN B 57 5.31 -15.22 -16.49
N MET B 58 5.40 -14.30 -15.53
CA MET B 58 6.48 -14.27 -14.53
C MET B 58 6.46 -15.51 -13.64
N SER B 59 5.25 -15.95 -13.32
CA SER B 59 5.06 -17.23 -12.64
C SER B 59 5.36 -18.36 -13.62
N TYR B 60 4.86 -18.20 -14.85
CA TYR B 60 5.10 -19.19 -15.90
C TYR B 60 6.59 -19.36 -16.20
N GLY B 61 7.35 -18.29 -15.98
CA GLY B 61 8.80 -18.31 -16.10
C GLY B 61 9.39 -19.19 -15.03
N LYS B 62 9.10 -18.85 -13.77
CA LYS B 62 9.54 -19.64 -12.62
C LYS B 62 8.95 -21.05 -12.66
N SER B 63 7.98 -21.26 -13.56
CA SER B 63 7.43 -22.58 -13.80
C SER B 63 8.32 -23.36 -14.77
N LEU B 64 8.80 -22.68 -15.80
CA LEU B 64 9.75 -23.26 -16.74
C LEU B 64 11.10 -23.49 -16.05
N ASN B 65 11.42 -22.61 -15.10
CA ASN B 65 12.63 -22.72 -14.29
C ASN B 65 12.56 -23.87 -13.31
N LYS B 66 11.35 -24.24 -12.91
CA LYS B 66 11.13 -25.40 -12.06
C LYS B 66 11.52 -26.67 -12.80
N LEU B 67 11.42 -26.65 -14.13
CA LEU B 67 11.81 -27.77 -14.97
C LEU B 67 13.34 -27.93 -15.02
N PHE B 68 14.03 -26.81 -14.90
CA PHE B 68 15.49 -26.81 -14.78
C PHE B 68 15.89 -27.08 -13.33
N LEU B 69 14.94 -26.85 -12.43
CA LEU B 69 15.07 -27.28 -11.05
C LEU B 69 14.75 -28.77 -10.96
N GLU B 70 14.12 -29.28 -12.02
CA GLU B 70 13.77 -30.70 -12.14
C GLU B 70 14.93 -31.55 -12.66
N LYS B 71 15.87 -30.91 -13.35
CA LYS B 71 17.11 -31.57 -13.74
C LYS B 71 17.97 -31.75 -12.49
N ILE B 72 18.05 -32.99 -12.02
CA ILE B 72 18.84 -33.33 -10.83
C ILE B 72 19.80 -34.48 -11.12
N LYS B 76 0.71 -32.72 -16.06
CA LYS B 76 0.27 -33.95 -15.41
C LYS B 76 1.20 -34.33 -14.28
N LYS B 77 2.49 -34.45 -14.59
CA LYS B 77 3.53 -34.73 -13.61
C LYS B 77 3.75 -33.50 -12.73
N LYS B 78 3.62 -32.33 -13.33
CA LYS B 78 3.76 -31.05 -12.63
C LYS B 78 2.42 -30.33 -12.44
N SER B 79 1.43 -30.69 -13.26
CA SER B 79 0.09 -30.10 -13.22
C SER B 79 -0.51 -30.07 -11.81
N GLU B 80 0.04 -30.90 -10.93
CA GLU B 80 -0.35 -30.91 -9.53
C GLU B 80 0.10 -29.61 -8.82
N ASN B 81 0.47 -28.61 -9.62
CA ASN B 81 0.90 -27.28 -9.14
C ASN B 81 -0.19 -26.57 -8.30
N MET B 82 -1.38 -26.43 -8.87
CA MET B 82 -2.52 -25.88 -8.15
C MET B 82 -3.06 -26.91 -7.16
N ILE B 83 -2.37 -27.03 -6.01
CA ILE B 83 -2.77 -27.96 -4.96
C ILE B 83 -2.73 -27.30 -3.57
N LYS B 84 -1.62 -26.63 -3.29
CA LYS B 84 -1.48 -25.83 -2.08
C LYS B 84 -1.96 -24.39 -2.34
N SER B 85 -2.37 -24.13 -3.58
CA SER B 85 -3.01 -22.87 -3.95
C SER B 85 -4.41 -22.81 -3.36
N MET B 86 -5.09 -23.95 -3.34
CA MET B 86 -6.36 -24.07 -2.64
C MET B 86 -6.09 -23.96 -1.13
N GLU B 87 -4.95 -24.50 -0.69
CA GLU B 87 -4.53 -24.38 0.70
C GLU B 87 -3.97 -22.98 1.00
N LYS B 88 -3.94 -22.13 -0.02
CA LYS B 88 -3.65 -20.71 0.16
C LYS B 88 -4.84 -20.05 0.83
N TYR B 89 -6.03 -20.41 0.34
CA TYR B 89 -7.28 -19.95 0.94
C TYR B 89 -7.37 -20.30 2.42
N ILE B 90 -6.82 -21.45 2.79
CA ILE B 90 -6.80 -21.92 4.17
C ILE B 90 -6.14 -20.89 5.10
N LYS B 91 -5.35 -20.00 4.53
CA LYS B 91 -4.81 -18.86 5.26
C LYS B 91 -5.71 -17.64 5.05
N ASP B 92 -6.18 -17.46 3.81
CA ASP B 92 -6.96 -16.29 3.43
C ASP B 92 -8.29 -16.20 4.17
N LEU B 93 -8.94 -17.35 4.35
CA LEU B 93 -10.17 -17.41 5.12
C LEU B 93 -9.85 -17.10 6.57
N ASP B 94 -8.74 -17.62 7.05
CA ASP B 94 -8.25 -17.30 8.38
C ASP B 94 -7.68 -15.87 8.42
N GLU B 95 -8.05 -15.07 7.42
CA GLU B 95 -7.72 -13.64 7.40
C GLU B 95 -8.98 -12.80 7.18
N ILE B 96 -9.90 -13.30 6.36
CA ILE B 96 -11.18 -12.63 6.18
C ILE B 96 -12.06 -12.87 7.40
N LYS B 97 -12.08 -14.12 7.88
CA LYS B 97 -12.78 -14.44 9.12
C LYS B 97 -11.96 -13.93 10.29
N GLU B 98 -11.08 -12.98 9.99
CA GLU B 98 -10.41 -12.16 11.00
C GLU B 98 -11.11 -10.79 11.10
N GLN B 99 -12.03 -10.54 10.16
CA GLN B 99 -12.85 -9.32 10.16
C GLN B 99 -14.21 -9.51 10.86
N SER B 100 -14.64 -10.75 11.01
CA SER B 100 -15.79 -11.05 11.86
C SER B 100 -15.44 -10.80 13.34
N PRO B 101 -14.25 -11.26 13.81
CA PRO B 101 -13.81 -10.87 15.15
C PRO B 101 -13.38 -9.40 15.28
N LYS B 102 -13.91 -8.56 14.40
CA LYS B 102 -13.90 -7.11 14.60
C LYS B 102 -15.19 -6.71 15.31
N ALA B 103 -16.13 -7.65 15.36
CA ALA B 103 -17.44 -7.48 15.99
C ALA B 103 -17.41 -6.54 17.17
N GLU B 104 -18.13 -5.42 17.04
CA GLU B 104 -18.21 -4.39 18.07
C GLU B 104 -19.61 -3.78 18.16
N LYS C 14 -13.38 69.40 29.97
CA LYS C 14 -14.44 68.34 29.95
C LYS C 14 -14.78 67.88 28.52
N LYS C 15 -14.78 68.83 27.58
CA LYS C 15 -14.98 68.54 26.15
C LYS C 15 -13.71 68.84 25.36
N ILE C 16 -12.58 68.90 26.06
CA ILE C 16 -11.27 69.11 25.46
C ILE C 16 -10.36 67.92 25.77
N GLU C 17 -10.46 67.40 26.99
CA GLU C 17 -9.72 66.21 27.40
C GLU C 17 -10.37 64.96 26.83
N ASN C 18 -11.69 64.89 26.92
CA ASN C 18 -12.48 63.82 26.30
C ASN C 18 -12.40 63.87 24.78
N ILE C 19 -11.88 64.99 24.26
CA ILE C 19 -11.63 65.17 22.83
C ILE C 19 -10.13 65.09 22.50
N VAL C 20 -9.30 64.97 23.53
CA VAL C 20 -7.88 64.70 23.37
C VAL C 20 -7.67 63.19 23.29
N THR C 21 -8.46 62.46 24.07
CA THR C 21 -8.42 61.00 24.10
C THR C 21 -9.28 60.37 23.00
N LYS C 22 -9.28 60.99 21.83
CA LYS C 22 -9.86 60.42 20.62
C LYS C 22 -8.78 60.40 19.53
N ILE C 23 -7.74 61.18 19.76
CA ILE C 23 -6.55 61.18 18.91
C ILE C 23 -5.66 60.00 19.27
N ASP C 24 -5.55 59.72 20.58
CA ASP C 24 -4.76 58.60 21.09
C ASP C 24 -5.52 57.28 20.98
N LYS C 25 -6.83 57.33 21.24
CA LYS C 25 -7.69 56.16 21.17
C LYS C 25 -8.10 55.83 19.75
N LYS C 26 -7.55 56.57 18.78
CA LYS C 26 -7.81 56.35 17.36
C LYS C 26 -7.31 54.99 16.88
N LYS C 27 -6.26 54.48 17.55
CA LYS C 27 -5.69 53.18 17.23
C LYS C 27 -6.31 52.06 18.06
N TYR C 28 -7.29 51.38 17.49
CA TYR C 28 -7.93 50.22 18.12
C TYR C 28 -6.99 49.01 18.10
N ILE C 29 -6.21 48.90 17.02
CA ILE C 29 -5.18 47.86 16.84
C ILE C 29 -5.73 46.42 16.91
N TYR C 30 -6.56 46.07 15.93
CA TYR C 30 -7.17 44.75 15.86
C TYR C 30 -6.82 44.07 14.53
N LYS C 34 -10.52 45.63 7.11
CA LYS C 34 -10.93 44.52 7.97
C LYS C 34 -10.78 43.17 7.23
N LYS C 35 -11.52 43.03 6.14
CA LYS C 35 -11.48 41.83 5.32
C LYS C 35 -10.50 41.97 4.16
N LEU C 36 -9.49 42.83 4.36
CA LEU C 36 -8.43 43.04 3.38
C LEU C 36 -7.58 41.78 3.23
N LEU C 37 -7.14 41.24 4.38
CA LEU C 37 -6.34 40.02 4.43
C LEU C 37 -7.19 38.81 4.84
N ASN C 38 -8.38 39.08 5.36
CA ASN C 38 -9.34 38.03 5.75
C ASN C 38 -10.03 37.36 4.56
N GLU C 39 -9.68 37.81 3.35
CA GLU C 39 -10.16 37.19 2.11
C GLU C 39 -9.49 35.83 1.90
N ILE C 40 -8.32 35.66 2.52
CA ILE C 40 -7.56 34.41 2.48
C ILE C 40 -8.37 33.23 3.04
N ALA C 41 -9.05 33.47 4.17
CA ALA C 41 -9.93 32.47 4.76
C ALA C 41 -11.34 32.54 4.16
N GLU C 42 -11.40 32.66 2.83
CA GLU C 42 -12.68 32.69 2.11
C GLU C 42 -12.77 31.60 1.05
N ILE C 43 -11.75 31.50 0.19
CA ILE C 43 -11.68 30.47 -0.85
C ILE C 43 -10.26 29.90 -1.02
N GLU C 44 -9.30 30.57 -0.39
CA GLU C 44 -7.91 30.14 -0.41
C GLU C 44 -7.62 29.24 0.78
N LYS C 45 -7.68 29.81 1.98
CA LYS C 45 -7.50 29.04 3.20
C LYS C 45 -8.76 28.25 3.55
N ASP C 46 -9.87 28.62 2.89
CA ASP C 46 -11.14 27.92 3.06
C ASP C 46 -11.45 27.01 1.86
N LYS C 47 -10.41 26.64 1.12
CA LYS C 47 -10.53 25.66 0.03
C LYS C 47 -10.73 24.26 0.60
N THR C 48 -9.94 23.94 1.63
CA THR C 48 -10.03 22.65 2.33
C THR C 48 -11.21 22.57 3.30
N SER C 49 -11.97 23.67 3.42
CA SER C 49 -13.21 23.69 4.21
C SER C 49 -14.30 22.86 3.52
N LEU C 50 -14.16 22.72 2.20
CA LEU C 50 -14.96 21.79 1.41
C LEU C 50 -14.12 20.59 1.00
N GLU C 51 -12.80 20.80 0.90
CA GLU C 51 -11.86 19.75 0.52
C GLU C 51 -11.10 19.19 1.73
N GLU C 52 -11.82 19.05 2.84
CA GLU C 52 -11.30 18.37 4.01
C GLU C 52 -11.46 16.87 3.82
N VAL C 53 -12.64 16.47 3.37
CA VAL C 53 -12.99 15.07 3.15
C VAL C 53 -12.04 14.36 2.18
N LYS C 54 -11.72 15.05 1.08
CA LYS C 54 -10.79 14.53 0.07
C LYS C 54 -9.36 14.48 0.60
N ASN C 55 -9.00 15.46 1.42
CA ASN C 55 -7.68 15.51 2.05
C ASN C 55 -7.45 14.32 2.99
N ILE C 56 -8.53 13.83 3.58
CA ILE C 56 -8.48 12.72 4.51
C ILE C 56 -8.69 11.38 3.81
N ASN C 57 -9.49 11.38 2.75
CA ASN C 57 -9.85 10.15 2.02
C ASN C 57 -8.65 9.31 1.59
N MET C 58 -7.56 9.97 1.19
CA MET C 58 -6.33 9.30 0.79
C MET C 58 -5.56 8.74 1.99
N SER C 59 -5.64 9.43 3.13
CA SER C 59 -5.02 8.95 4.36
C SER C 59 -5.82 7.79 4.95
N TYR C 60 -7.13 7.82 4.72
CA TYR C 60 -8.01 6.69 5.03
C TYR C 60 -7.89 5.62 3.93
N GLY C 61 -7.28 6.00 2.81
CA GLY C 61 -7.00 5.10 1.70
C GLY C 61 -5.66 4.40 1.83
N LYS C 62 -4.66 5.14 2.31
CA LYS C 62 -3.31 4.61 2.52
C LYS C 62 -3.30 3.47 3.54
N SER C 63 -4.48 3.17 4.08
CA SER C 63 -4.68 2.08 5.00
C SER C 63 -5.85 1.19 4.56
N LEU C 64 -6.60 1.64 3.55
CA LEU C 64 -7.85 0.99 3.14
C LEU C 64 -7.73 -0.48 2.72
N ASN C 65 -6.83 -0.76 1.78
CA ASN C 65 -6.69 -2.11 1.24
C ASN C 65 -5.54 -2.92 1.86
N LYS C 66 -4.54 -2.20 2.36
CA LYS C 66 -3.31 -2.79 2.89
C LYS C 66 -3.55 -3.75 4.04
N LEU C 67 -3.65 -5.04 3.71
CA LEU C 67 -3.79 -6.11 4.70
C LEU C 67 -3.17 -7.39 4.12
N PHE C 68 -2.59 -7.26 2.93
CA PHE C 68 -1.93 -8.38 2.25
C PHE C 68 -0.73 -8.87 3.06
N LEU C 69 -0.94 -9.94 3.80
CA LEU C 69 0.10 -10.51 4.64
C LEU C 69 0.47 -11.91 4.15
N GLU C 70 1.77 -12.10 3.90
CA GLU C 70 2.32 -13.40 3.54
C GLU C 70 2.57 -14.23 4.79
N LYS C 71 2.93 -15.50 4.60
CA LYS C 71 3.16 -16.44 5.70
C LYS C 71 1.92 -16.63 6.57
N ILE C 72 0.75 -16.65 5.93
CA ILE C 72 -0.56 -16.64 6.58
C ILE C 72 -0.80 -15.34 7.37
N LYS C 76 1.70 -6.17 12.10
CA LYS C 76 0.64 -7.15 11.88
C LYS C 76 -0.75 -6.56 12.11
N LYS C 77 -0.89 -5.81 13.20
CA LYS C 77 -2.15 -5.15 13.54
C LYS C 77 -2.30 -3.81 12.80
N LYS C 78 -2.18 -3.86 11.48
CA LYS C 78 -2.34 -2.68 10.63
C LYS C 78 -3.76 -2.60 10.07
N SER C 79 -4.45 -3.75 10.07
CA SER C 79 -5.87 -3.82 9.72
C SER C 79 -6.69 -3.22 10.88
N GLU C 80 -6.07 -3.20 12.05
CA GLU C 80 -6.58 -2.48 13.22
C GLU C 80 -6.27 -1.00 13.05
N ASN C 81 -5.06 -0.69 12.59
CA ASN C 81 -4.66 0.67 12.26
C ASN C 81 -5.42 1.21 11.05
N MET C 82 -6.10 0.29 10.34
CA MET C 82 -6.96 0.64 9.21
C MET C 82 -8.32 1.14 9.70
N ILE C 83 -9.02 0.28 10.44
CA ILE C 83 -10.30 0.63 11.05
C ILE C 83 -10.14 1.82 12.01
N LYS C 84 -8.90 2.14 12.33
CA LYS C 84 -8.56 3.27 13.20
C LYS C 84 -8.89 4.58 12.51
N SER C 85 -8.30 4.81 11.35
CA SER C 85 -8.51 6.04 10.60
C SER C 85 -9.92 6.13 10.01
N MET C 86 -10.48 4.99 9.66
CA MET C 86 -11.83 4.91 9.09
C MET C 86 -12.93 5.23 10.11
N GLU C 87 -12.52 5.50 11.34
CA GLU C 87 -13.44 5.95 12.38
C GLU C 87 -13.93 7.36 12.09
N LYS C 88 -13.02 8.20 11.59
CA LYS C 88 -13.36 9.56 11.19
C LYS C 88 -14.23 9.58 9.93
N TYR C 89 -14.11 8.52 9.13
CA TYR C 89 -14.85 8.40 7.86
C TYR C 89 -16.37 8.56 8.00
N ILE C 90 -16.86 8.40 9.23
CA ILE C 90 -18.25 8.70 9.54
C ILE C 90 -18.29 9.84 10.56
N LYS C 91 -17.42 9.75 11.56
CA LYS C 91 -17.36 10.72 12.65
C LYS C 91 -17.15 12.13 12.14
N ASP C 92 -15.96 12.38 11.60
CA ASP C 92 -15.61 13.68 11.03
C ASP C 92 -16.49 14.00 9.81
N LEU C 93 -17.03 12.97 9.17
CA LEU C 93 -17.91 13.13 8.01
C LEU C 93 -19.24 13.74 8.41
N ASP C 94 -19.81 13.26 9.52
CA ASP C 94 -21.06 13.78 10.06
C ASP C 94 -20.84 15.11 10.78
N GLU C 95 -19.60 15.34 11.21
CA GLU C 95 -19.22 16.58 11.87
C GLU C 95 -18.69 17.63 10.88
N ILE C 96 -18.53 17.21 9.61
CA ILE C 96 -18.17 18.11 8.52
C ILE C 96 -19.42 18.74 7.91
N LYS C 97 -20.51 17.98 7.94
CA LYS C 97 -21.83 18.49 7.54
C LYS C 97 -22.51 19.16 8.72
N GLU C 98 -21.84 19.14 9.89
CA GLU C 98 -22.39 19.69 11.12
C GLU C 98 -22.57 21.20 11.04
N GLN C 99 -21.66 21.90 10.39
CA GLN C 99 -21.76 23.36 10.26
C GLN C 99 -21.45 23.90 8.86
N SER C 100 -21.64 23.06 7.84
CA SER C 100 -21.50 23.46 6.44
C SER C 100 -22.87 23.55 5.72
N PRO C 101 -23.64 22.43 5.69
CA PRO C 101 -25.03 22.56 5.25
C PRO C 101 -25.89 23.30 6.29
N LYS C 102 -26.49 22.57 7.22
CA LYS C 102 -27.30 23.17 8.28
C LYS C 102 -26.48 23.37 9.55
N ALA C 103 -26.23 24.64 9.88
CA ALA C 103 -25.47 25.04 11.07
C ALA C 103 -26.31 25.95 11.96
N GLU C 104 -27.56 25.54 12.23
CA GLU C 104 -28.59 26.36 12.91
C GLU C 104 -29.01 27.57 12.07
N MET C 105 -30.26 27.56 11.64
CA MET C 105 -30.82 28.60 10.77
C MET C 105 -31.13 29.90 11.53
N ASN C 106 -30.26 30.26 12.46
CA ASN C 106 -30.41 31.47 13.27
C ASN C 106 -29.98 32.72 12.52
#